data_3KQS
#
_entry.id   3KQS
#
_cell.length_a   94.653
_cell.length_b   94.653
_cell.length_c   189.209
_cell.angle_alpha   90.000
_cell.angle_beta   90.000
_cell.angle_gamma   90.000
#
_symmetry.space_group_name_H-M   'P 43 21 2'
#
loop_
_entity.id
_entity.type
_entity.pdbx_description
1 polymer 'Phenylethanolamine N-methyltransferase'
2 non-polymer S-ADENOSYL-L-HOMOCYSTEINE
3 non-polymer 1H-benzimidazol-2-amine
4 water water
#
_entity_poly.entity_id   1
_entity_poly.type   'polypeptide(L)'
_entity_poly.pdbx_seq_one_letter_code
;MSGADRSPNAGAAPDSAPGQAAVASAYQRFEPRAYLRNNYAPPRGDLCNPNGVGPWKLRCLAQTFATGEVSGRTLIDIGS
GPTVYQLLSACSHFEDITMTDFLEVNRQELGRWLQEEPGAFNWSMYSQHACLIEGKGECWQDKERQLRARVKRVLPIDVH
QPQPLGAGSPAPLPADALVSAFCLEAVSPDLASFQRALDHITTLLRPGGHLLLIGALEESWYLAGEARLTVVPVSEEEVR
EALVRSGYKVRDLRTYIMPAHLQTGVDDVKGVFFAWAQKVGLEHHHHHH
;
_entity_poly.pdbx_strand_id   A,B
#
loop_
_chem_comp.id
_chem_comp.type
_chem_comp.name
_chem_comp.formula
AX7 non-polymer 1H-benzimidazol-2-amine 'C7 H7 N3'
SAH non-polymer S-ADENOSYL-L-HOMOCYSTEINE 'C14 H20 N6 O5 S'
#
# COMPACT_ATOMS: atom_id res chain seq x y z
N ALA A 24 -29.81 17.36 21.77
CA ALA A 24 -29.11 17.48 20.49
C ALA A 24 -28.17 18.68 20.50
N SER A 25 -28.58 19.74 21.19
CA SER A 25 -27.79 20.97 21.29
C SER A 25 -26.33 20.69 21.63
N ALA A 26 -26.09 19.55 22.26
CA ALA A 26 -24.73 19.12 22.57
C ALA A 26 -23.87 19.05 21.31
N TYR A 27 -24.49 18.67 20.19
CA TYR A 27 -23.76 18.52 18.94
C TYR A 27 -23.25 19.84 18.35
N GLN A 28 -23.82 20.95 18.80
CA GLN A 28 -23.38 22.25 18.33
C GLN A 28 -21.94 22.57 18.74
N ARG A 29 -21.42 21.82 19.71
CA ARG A 29 -20.04 21.99 20.16
C ARG A 29 -19.08 20.94 19.59
N PHE A 30 -19.64 19.96 18.88
CA PHE A 30 -18.86 18.90 18.21
C PHE A 30 -17.73 19.48 17.35
N GLU A 31 -16.50 19.11 17.65
CA GLU A 31 -15.35 19.52 16.84
C GLU A 31 -14.81 18.36 15.99
N PRO A 32 -14.97 18.45 14.66
CA PRO A 32 -14.52 17.37 13.77
C PRO A 32 -13.06 16.94 13.95
N ARG A 33 -12.13 17.88 14.08
CA ARG A 33 -10.72 17.52 14.18
C ARG A 33 -10.41 16.74 15.46
N ALA A 34 -11.02 17.15 16.57
CA ALA A 34 -10.87 16.43 17.82
C ALA A 34 -11.46 15.03 17.70
N TYR A 35 -12.65 14.94 17.11
CA TYR A 35 -13.29 13.65 16.87
C TYR A 35 -12.39 12.72 16.03
N LEU A 36 -11.84 13.26 14.94
CA LEU A 36 -10.98 12.48 14.05
C LEU A 36 -9.72 11.99 14.78
N ARG A 37 -9.13 12.89 15.55
CA ARG A 37 -7.94 12.58 16.33
C ARG A 37 -8.22 11.48 17.36
N ASN A 38 -9.39 11.57 18.00
CA ASN A 38 -9.80 10.64 19.06
C ASN A 38 -10.02 9.20 18.57
N ASN A 39 -10.43 9.06 17.31
CA ASN A 39 -10.94 7.77 16.84
C ASN A 39 -10.21 7.17 15.63
N TYR A 40 -9.51 8.01 14.87
CA TYR A 40 -8.93 7.59 13.60
C TYR A 40 -7.47 7.96 13.44
N ALA A 41 -6.86 8.37 14.55
CA ALA A 41 -5.40 8.50 14.64
C ALA A 41 -4.95 7.49 15.68
N PRO A 42 -3.64 7.15 15.69
CA PRO A 42 -3.15 6.12 16.62
C PRO A 42 -3.56 6.43 18.06
N PRO A 43 -3.81 5.39 18.87
CA PRO A 43 -3.70 3.95 18.56
C PRO A 43 -4.87 3.37 17.76
N ARG A 44 -6.08 3.91 17.93
CA ARG A 44 -7.24 3.35 17.21
C ARG A 44 -7.05 3.40 15.71
N GLY A 45 -6.32 4.42 15.25
CA GLY A 45 -6.12 4.61 13.82
C GLY A 45 -4.83 3.98 13.30
N ASP A 46 -4.17 3.19 14.13
CA ASP A 46 -3.00 2.43 13.68
C ASP A 46 -3.48 1.12 13.06
N LEU A 47 -3.21 0.94 11.77
CA LEU A 47 -3.76 -0.21 11.05
C LEU A 47 -2.75 -1.35 10.86
N CYS A 48 -1.55 -1.21 11.41
CA CYS A 48 -0.54 -2.26 11.26
C CYS A 48 -0.90 -3.55 12.00
N ASN A 49 -1.47 -3.41 13.20
CA ASN A 49 -1.90 -4.56 13.98
C ASN A 49 -3.22 -5.12 13.43
N PRO A 50 -3.19 -6.34 12.90
CA PRO A 50 -4.38 -6.95 12.29
C PRO A 50 -5.48 -7.21 13.31
N ASN A 51 -5.15 -7.17 14.59
CA ASN A 51 -6.13 -7.41 15.65
C ASN A 51 -6.83 -6.14 16.16
N GLY A 52 -6.49 -5.00 15.56
CA GLY A 52 -7.07 -3.73 15.99
C GLY A 52 -8.47 -3.49 15.44
N VAL A 53 -9.12 -2.45 15.93
CA VAL A 53 -10.51 -2.16 15.57
C VAL A 53 -10.66 -1.65 14.14
N GLY A 54 -9.68 -0.90 13.66
CA GLY A 54 -9.71 -0.41 12.29
C GLY A 54 -9.72 -1.51 11.25
N PRO A 55 -8.72 -2.41 11.32
CA PRO A 55 -8.70 -3.55 10.40
C PRO A 55 -9.97 -4.41 10.49
N TRP A 56 -10.48 -4.64 11.71
CA TRP A 56 -11.73 -5.39 11.86
C TRP A 56 -12.90 -4.76 11.10
N LYS A 57 -13.08 -3.44 11.26
CA LYS A 57 -14.15 -2.75 10.56
C LYS A 57 -14.03 -2.84 9.03
N LEU A 58 -12.81 -2.63 8.52
CA LEU A 58 -12.59 -2.64 7.07
C LEU A 58 -12.82 -4.03 6.50
N ARG A 59 -12.43 -5.03 7.27
CA ARG A 59 -12.59 -6.44 6.93
C ARG A 59 -14.07 -6.80 6.84
N CYS A 60 -14.86 -6.36 7.81
CA CYS A 60 -16.30 -6.60 7.78
C CYS A 60 -16.91 -6.02 6.50
N LEU A 61 -16.53 -4.80 6.17
CA LEU A 61 -17.11 -4.15 4.99
C LEU A 61 -16.67 -4.83 3.69
N ALA A 62 -15.36 -5.06 3.56
CA ALA A 62 -14.81 -5.69 2.35
C ALA A 62 -15.41 -7.07 2.10
N GLN A 63 -15.41 -7.91 3.13
CA GLN A 63 -15.97 -9.26 3.04
C GLN A 63 -17.43 -9.25 2.61
N THR A 64 -18.21 -8.31 3.16
CA THR A 64 -19.62 -8.21 2.82
C THR A 64 -19.82 -7.88 1.34
N PHE A 65 -19.08 -6.89 0.85
CA PHE A 65 -19.19 -6.51 -0.57
C PHE A 65 -18.62 -7.58 -1.49
N ALA A 66 -17.67 -8.37 -1.00
CA ALA A 66 -17.04 -9.40 -1.82
C ALA A 66 -17.99 -10.56 -2.12
N THR A 67 -19.10 -10.64 -1.38
CA THR A 67 -20.11 -11.67 -1.64
C THR A 67 -20.80 -11.42 -2.97
N GLY A 68 -20.73 -10.18 -3.44
CA GLY A 68 -21.41 -9.78 -4.67
C GLY A 68 -22.92 -9.65 -4.51
N GLU A 69 -23.42 -9.82 -3.29
CA GLU A 69 -24.85 -9.77 -3.04
C GLU A 69 -25.36 -8.37 -2.72
N VAL A 70 -24.43 -7.48 -2.38
CA VAL A 70 -24.80 -6.09 -2.14
C VAL A 70 -24.38 -5.25 -3.35
N SER A 71 -25.35 -4.99 -4.21
CA SER A 71 -25.09 -4.32 -5.47
C SER A 71 -26.26 -3.41 -5.83
N GLY A 72 -26.06 -2.59 -6.86
CA GLY A 72 -27.08 -1.66 -7.29
C GLY A 72 -26.46 -0.42 -7.90
N ARG A 73 -27.25 0.65 -8.00
CA ARG A 73 -26.78 1.87 -8.64
C ARG A 73 -26.50 2.98 -7.64
N THR A 74 -27.35 3.11 -6.63
CA THR A 74 -27.24 4.23 -5.69
C THR A 74 -27.11 3.78 -4.24
N LEU A 75 -26.31 4.53 -3.47
CA LEU A 75 -26.10 4.24 -2.06
C LEU A 75 -26.11 5.53 -1.24
N ILE A 76 -26.63 5.45 -0.02
CA ILE A 76 -26.61 6.60 0.88
C ILE A 76 -25.91 6.25 2.19
N ASP A 77 -24.96 7.09 2.57
CA ASP A 77 -24.26 6.94 3.86
C ASP A 77 -24.92 7.87 4.87
N ILE A 78 -25.42 7.27 5.97
CA ILE A 78 -26.19 8.00 6.98
C ILE A 78 -25.34 8.47 8.15
N GLY A 79 -25.31 9.78 8.39
CA GLY A 79 -24.51 10.33 9.47
C GLY A 79 -23.02 10.11 9.26
N SER A 80 -22.53 10.55 8.10
CA SER A 80 -21.14 10.35 7.71
C SER A 80 -20.15 11.03 8.65
N GLY A 81 -20.56 12.12 9.27
CA GLY A 81 -19.61 12.94 10.01
C GLY A 81 -18.48 13.35 9.07
N PRO A 82 -17.26 13.45 9.61
CA PRO A 82 -16.09 13.83 8.80
C PRO A 82 -15.28 12.63 8.28
N THR A 83 -15.89 11.45 8.17
CA THR A 83 -15.12 10.26 7.83
C THR A 83 -15.53 9.62 6.50
N VAL A 84 -14.60 8.92 5.86
CA VAL A 84 -14.88 8.26 4.59
C VAL A 84 -14.51 6.77 4.59
N TYR A 85 -13.83 6.29 5.63
CA TYR A 85 -13.37 4.89 5.69
C TYR A 85 -14.54 3.92 5.45
N GLN A 86 -15.74 4.32 5.85
CA GLN A 86 -16.91 3.43 5.77
C GLN A 86 -17.39 3.16 4.35
N LEU A 87 -16.85 3.90 3.38
CA LEU A 87 -17.27 3.75 1.99
C LEU A 87 -16.15 3.23 1.08
N LEU A 88 -14.99 2.94 1.65
CA LEU A 88 -13.83 2.58 0.85
C LEU A 88 -14.04 1.32 0.00
N SER A 89 -14.63 0.29 0.61
CA SER A 89 -14.94 -0.94 -0.13
C SER A 89 -16.25 -0.82 -0.89
N ALA A 90 -17.14 0.04 -0.40
CA ALA A 90 -18.45 0.20 -1.01
C ALA A 90 -18.39 0.86 -2.38
N CYS A 91 -17.44 1.78 -2.56
CA CYS A 91 -17.48 2.68 -3.71
C CYS A 91 -17.33 2.00 -5.07
N SER A 92 -16.73 0.81 -5.10
CA SER A 92 -16.57 0.10 -6.37
C SER A 92 -17.84 -0.64 -6.78
N HIS A 93 -18.87 -0.60 -5.94
CA HIS A 93 -20.12 -1.30 -6.23
C HIS A 93 -21.31 -0.38 -6.47
N PHE A 94 -21.13 0.93 -6.30
CA PHE A 94 -22.24 1.88 -6.43
C PHE A 94 -21.77 3.17 -7.10
N GLU A 95 -22.33 3.46 -8.26
CA GLU A 95 -21.88 4.58 -9.08
C GLU A 95 -22.39 5.93 -8.57
N ASP A 96 -23.46 5.91 -7.79
CA ASP A 96 -24.00 7.14 -7.23
C ASP A 96 -24.07 7.06 -5.70
N ILE A 97 -23.23 7.85 -5.05
CA ILE A 97 -23.16 7.82 -3.59
C ILE A 97 -23.52 9.18 -3.00
N THR A 98 -24.38 9.15 -1.99
CA THR A 98 -24.75 10.36 -1.25
C THR A 98 -24.19 10.27 0.17
N MET A 99 -23.42 11.27 0.57
CA MET A 99 -22.93 11.35 1.95
C MET A 99 -23.77 12.37 2.69
N THR A 100 -23.94 12.18 4.00
CA THR A 100 -24.81 13.05 4.77
C THR A 100 -24.27 13.35 6.16
N ASP A 101 -24.66 14.50 6.70
CA ASP A 101 -24.51 14.73 8.13
C ASP A 101 -25.39 15.85 8.64
N PHE A 102 -25.65 15.80 9.94
CA PHE A 102 -26.49 16.79 10.62
C PHE A 102 -25.73 18.12 10.75
N LEU A 103 -24.41 18.04 10.88
CA LEU A 103 -23.61 19.24 11.14
C LEU A 103 -22.93 19.79 9.89
N GLU A 104 -23.05 21.10 9.70
CA GLU A 104 -22.39 21.80 8.62
C GLU A 104 -20.87 21.68 8.69
N VAL A 105 -20.32 21.74 9.89
CA VAL A 105 -18.86 21.65 10.04
C VAL A 105 -18.34 20.29 9.58
N ASN A 106 -19.15 19.24 9.73
CA ASN A 106 -18.76 17.91 9.24
C ASN A 106 -18.83 17.84 7.72
N ARG A 107 -19.90 18.40 7.16
CA ARG A 107 -20.05 18.46 5.71
C ARG A 107 -18.90 19.23 5.06
N GLN A 108 -18.40 20.26 5.76
CA GLN A 108 -17.28 21.04 5.24
C GLN A 108 -15.99 20.24 5.32
N GLU A 109 -15.80 19.53 6.43
CA GLU A 109 -14.64 18.67 6.60
C GLU A 109 -14.60 17.62 5.50
N LEU A 110 -15.75 17.04 5.18
CA LEU A 110 -15.85 16.09 4.08
C LEU A 110 -15.48 16.74 2.75
N GLY A 111 -16.01 17.93 2.51
CA GLY A 111 -15.72 18.67 1.30
C GLY A 111 -14.23 18.90 1.10
N ARG A 112 -13.51 19.17 2.18
CA ARG A 112 -12.06 19.36 2.11
C ARG A 112 -11.34 18.12 1.57
N TRP A 113 -11.77 16.94 2.01
CA TRP A 113 -11.14 15.71 1.53
C TRP A 113 -11.60 15.40 0.12
N LEU A 114 -12.90 15.52 -0.13
CA LEU A 114 -13.46 15.19 -1.44
C LEU A 114 -12.85 16.07 -2.54
N GLN A 115 -12.59 17.34 -2.21
CA GLN A 115 -12.03 18.29 -3.17
C GLN A 115 -10.52 18.38 -3.09
N GLU A 116 -9.91 17.61 -2.20
CA GLU A 116 -8.46 17.64 -1.98
C GLU A 116 -7.97 19.04 -1.58
N GLU A 117 -8.78 19.74 -0.79
CA GLU A 117 -8.45 21.09 -0.35
C GLU A 117 -7.41 21.07 0.78
N PRO A 118 -6.75 22.21 1.02
CA PRO A 118 -5.74 22.30 2.08
C PRO A 118 -6.25 21.86 3.45
N GLY A 119 -5.44 21.08 4.16
CA GLY A 119 -5.75 20.71 5.53
C GLY A 119 -6.76 19.58 5.68
N ALA A 120 -6.99 18.83 4.59
CA ALA A 120 -7.89 17.69 4.65
C ALA A 120 -7.29 16.60 5.52
N PHE A 121 -8.14 15.80 6.15
CA PHE A 121 -7.67 14.67 6.94
C PHE A 121 -6.94 13.66 6.03
N ASN A 122 -5.93 13.00 6.56
CA ASN A 122 -5.21 12.00 5.78
C ASN A 122 -5.79 10.61 5.99
N TRP A 123 -6.59 10.16 5.03
CA TRP A 123 -7.24 8.85 5.11
C TRP A 123 -6.43 7.74 4.43
N SER A 124 -5.26 8.10 3.91
CA SER A 124 -4.51 7.17 3.06
C SER A 124 -4.14 5.83 3.71
N MET A 125 -3.97 5.80 5.03
CA MET A 125 -3.68 4.53 5.71
C MET A 125 -4.87 3.59 5.61
N TYR A 126 -6.07 4.14 5.69
CA TYR A 126 -7.29 3.35 5.58
C TYR A 126 -7.48 2.90 4.13
N SER A 127 -7.24 3.81 3.19
CA SER A 127 -7.34 3.48 1.77
C SER A 127 -6.37 2.36 1.41
N GLN A 128 -5.14 2.45 1.90
CA GLN A 128 -4.13 1.42 1.63
C GLN A 128 -4.56 0.08 2.21
N HIS A 129 -5.10 0.10 3.43
CA HIS A 129 -5.52 -1.16 4.05
C HIS A 129 -6.72 -1.80 3.39
N ALA A 130 -7.64 -0.97 2.91
CA ALA A 130 -8.78 -1.47 2.13
C ALA A 130 -8.29 -2.20 0.88
N CYS A 131 -7.30 -1.63 0.19
CA CYS A 131 -6.75 -2.24 -1.02
C CYS A 131 -6.03 -3.54 -0.68
N LEU A 132 -5.31 -3.53 0.44
CA LEU A 132 -4.63 -4.71 0.94
C LEU A 132 -5.63 -5.84 1.17
N ILE A 133 -6.67 -5.53 1.94
CA ILE A 133 -7.71 -6.49 2.30
C ILE A 133 -8.52 -7.00 1.11
N GLU A 134 -8.85 -6.10 0.19
CA GLU A 134 -9.68 -6.49 -0.95
C GLU A 134 -8.93 -7.42 -1.92
N GLY A 135 -7.62 -7.28 -1.97
CA GLY A 135 -6.76 -8.20 -2.69
C GLY A 135 -6.92 -8.19 -4.19
N LYS A 136 -7.20 -7.02 -4.76
CA LYS A 136 -7.39 -6.88 -6.20
C LYS A 136 -6.18 -6.19 -6.83
N GLY A 137 -5.15 -5.98 -6.02
CA GLY A 137 -3.93 -5.32 -6.48
C GLY A 137 -4.14 -3.87 -6.86
N GLU A 138 -5.17 -3.25 -6.29
CA GLU A 138 -5.47 -1.85 -6.58
C GLU A 138 -4.59 -0.91 -5.76
N CYS A 139 -4.04 0.11 -6.41
CA CYS A 139 -3.27 1.13 -5.69
C CYS A 139 -4.23 2.03 -4.92
N TRP A 140 -3.80 2.54 -3.77
CA TRP A 140 -4.71 3.29 -2.92
C TRP A 140 -5.16 4.59 -3.58
N GLN A 141 -4.33 5.14 -4.47
CA GLN A 141 -4.69 6.36 -5.18
C GLN A 141 -5.89 6.17 -6.11
N ASP A 142 -5.93 5.03 -6.80
CA ASP A 142 -7.06 4.72 -7.68
C ASP A 142 -8.34 4.59 -6.85
N LYS A 143 -8.21 3.98 -5.68
CA LYS A 143 -9.34 3.76 -4.79
C LYS A 143 -9.94 5.10 -4.35
N GLU A 144 -9.07 6.01 -3.90
CA GLU A 144 -9.53 7.32 -3.45
C GLU A 144 -10.11 8.11 -4.60
N ARG A 145 -9.51 7.96 -5.78
CA ARG A 145 -10.01 8.60 -6.98
C ARG A 145 -11.45 8.13 -7.26
N GLN A 146 -11.68 6.83 -7.16
CA GLN A 146 -13.00 6.28 -7.44
C GLN A 146 -14.07 6.73 -6.43
N LEU A 147 -13.70 6.78 -5.15
CA LEU A 147 -14.62 7.25 -4.11
C LEU A 147 -15.01 8.71 -4.36
N ARG A 148 -14.00 9.56 -4.57
CA ARG A 148 -14.26 10.97 -4.83
C ARG A 148 -15.15 11.16 -6.07
N ALA A 149 -14.94 10.32 -7.08
CA ALA A 149 -15.69 10.45 -8.32
C ALA A 149 -17.15 10.04 -8.13
N ARG A 150 -17.38 9.04 -7.29
CA ARG A 150 -18.71 8.46 -7.15
C ARG A 150 -19.57 9.16 -6.07
N VAL A 151 -18.92 9.84 -5.13
CA VAL A 151 -19.67 10.65 -4.19
C VAL A 151 -20.20 11.88 -4.92
N LYS A 152 -21.50 11.87 -5.21
CA LYS A 152 -22.10 12.90 -6.04
C LYS A 152 -22.51 14.13 -5.26
N ARG A 153 -22.87 13.93 -3.99
CA ARG A 153 -23.43 15.02 -3.19
C ARG A 153 -23.28 14.76 -1.69
N VAL A 154 -23.22 15.84 -0.92
CA VAL A 154 -23.20 15.76 0.54
C VAL A 154 -24.33 16.60 1.11
N LEU A 155 -25.27 15.96 1.80
CA LEU A 155 -26.51 16.61 2.20
C LEU A 155 -26.72 16.67 3.72
N PRO A 156 -27.46 17.67 4.18
CA PRO A 156 -27.92 17.70 5.57
C PRO A 156 -28.84 16.51 5.82
N ILE A 157 -28.91 16.06 7.07
CA ILE A 157 -29.79 14.95 7.43
C ILE A 157 -30.15 15.00 8.92
N ASP A 158 -31.36 14.56 9.25
CA ASP A 158 -31.78 14.43 10.64
C ASP A 158 -32.59 13.15 10.80
N VAL A 159 -31.96 12.11 11.34
CA VAL A 159 -32.61 10.80 11.44
C VAL A 159 -33.80 10.81 12.40
N HIS A 160 -33.97 11.90 13.13
CA HIS A 160 -35.12 12.03 14.03
C HIS A 160 -36.38 12.45 13.28
N GLN A 161 -36.21 12.91 12.05
CA GLN A 161 -37.36 13.32 11.24
C GLN A 161 -37.85 12.16 10.38
N PRO A 162 -39.18 12.01 10.28
CA PRO A 162 -39.83 10.97 9.48
C PRO A 162 -39.26 10.90 8.08
N GLN A 163 -38.92 12.05 7.52
CA GLN A 163 -38.18 12.12 6.26
C GLN A 163 -36.82 12.74 6.56
N PRO A 164 -35.83 11.89 6.88
CA PRO A 164 -34.51 12.35 7.31
C PRO A 164 -33.86 13.33 6.35
N LEU A 165 -34.09 13.17 5.05
CA LEU A 165 -33.49 14.04 4.04
C LEU A 165 -34.40 15.22 3.67
N GLY A 166 -35.59 15.26 4.26
CA GLY A 166 -36.55 16.31 3.95
C GLY A 166 -37.41 15.96 2.75
N ALA A 167 -38.19 16.95 2.29
CA ALA A 167 -39.19 16.73 1.25
C ALA A 167 -38.62 16.38 -0.13
N GLY A 168 -38.01 17.35 -0.80
CA GLY A 168 -37.54 17.16 -2.16
C GLY A 168 -36.03 17.13 -2.28
N SER A 169 -35.43 16.03 -1.84
CA SER A 169 -33.97 15.91 -1.80
C SER A 169 -33.38 15.53 -3.15
N PRO A 170 -32.17 16.05 -3.43
CA PRO A 170 -31.40 15.74 -4.65
C PRO A 170 -30.96 14.27 -4.67
N ALA A 171 -31.12 13.58 -3.54
CA ALA A 171 -30.74 12.18 -3.46
C ALA A 171 -31.75 11.29 -4.14
N PRO A 172 -31.27 10.39 -5.02
CA PRO A 172 -32.14 9.42 -5.70
C PRO A 172 -32.75 8.46 -4.69
N LEU A 173 -34.08 8.40 -4.65
CA LEU A 173 -34.79 7.54 -3.71
C LEU A 173 -35.78 6.65 -4.45
N PRO A 174 -35.95 5.40 -3.97
CA PRO A 174 -35.25 4.86 -2.80
C PRO A 174 -33.84 4.44 -3.18
N ALA A 175 -32.96 4.33 -2.20
CA ALA A 175 -31.59 3.88 -2.43
C ALA A 175 -31.54 2.36 -2.57
N ASP A 176 -30.52 1.85 -3.25
CA ASP A 176 -30.33 0.42 -3.35
C ASP A 176 -29.68 -0.13 -2.08
N ALA A 177 -28.97 0.73 -1.37
CA ALA A 177 -28.25 0.32 -0.16
C ALA A 177 -27.99 1.50 0.78
N LEU A 178 -27.97 1.20 2.08
CA LEU A 178 -27.58 2.18 3.08
C LEU A 178 -26.33 1.72 3.82
N VAL A 179 -25.48 2.66 4.20
CA VAL A 179 -24.39 2.42 5.14
C VAL A 179 -24.58 3.43 6.27
N SER A 180 -24.18 3.07 7.48
CA SER A 180 -24.23 4.01 8.60
C SER A 180 -23.33 3.53 9.72
N ALA A 181 -22.43 4.38 10.19
CA ALA A 181 -21.48 3.97 11.22
C ALA A 181 -21.46 4.94 12.39
N PHE A 182 -21.71 4.41 13.59
CA PHE A 182 -21.59 5.18 14.84
C PHE A 182 -22.54 6.37 14.94
N CYS A 183 -23.67 6.32 14.24
CA CYS A 183 -24.62 7.43 14.25
C CYS A 183 -25.84 7.20 15.15
N LEU A 184 -26.64 6.18 14.84
CA LEU A 184 -27.94 6.03 15.51
C LEU A 184 -27.84 6.00 17.04
N GLU A 185 -26.97 5.16 17.58
CA GLU A 185 -26.83 5.08 19.03
C GLU A 185 -26.27 6.39 19.61
N ALA A 186 -25.54 7.13 18.79
CA ALA A 186 -24.88 8.36 19.22
C ALA A 186 -25.80 9.58 19.22
N VAL A 187 -27.02 9.42 18.70
CA VAL A 187 -27.95 10.54 18.62
C VAL A 187 -29.31 10.23 19.28
N SER A 188 -29.42 9.06 19.89
CA SER A 188 -30.67 8.63 20.53
C SER A 188 -30.50 8.50 22.05
N PRO A 189 -31.41 9.12 22.83
CA PRO A 189 -31.37 9.07 24.30
C PRO A 189 -31.63 7.67 24.87
N ASP A 190 -32.41 6.86 24.16
CA ASP A 190 -32.78 5.55 24.69
C ASP A 190 -33.13 4.58 23.57
N LEU A 191 -33.44 3.34 23.95
CA LEU A 191 -33.66 2.28 22.97
C LEU A 191 -34.81 2.62 22.03
N ALA A 192 -35.87 3.19 22.58
CA ALA A 192 -37.06 3.53 21.79
C ALA A 192 -36.71 4.57 20.74
N SER A 193 -35.96 5.59 21.12
CA SER A 193 -35.50 6.59 20.17
C SER A 193 -34.59 5.97 19.10
N PHE A 194 -33.72 5.06 19.53
CA PHE A 194 -32.86 4.33 18.60
C PHE A 194 -33.72 3.63 17.56
N GLN A 195 -34.75 2.93 18.04
CA GLN A 195 -35.64 2.18 17.15
C GLN A 195 -36.34 3.07 16.12
N ARG A 196 -36.85 4.21 16.57
CA ARG A 196 -37.55 5.13 15.67
C ARG A 196 -36.61 5.66 14.61
N ALA A 197 -35.42 6.06 15.03
CA ALA A 197 -34.42 6.55 14.09
C ALA A 197 -34.14 5.52 13.01
N LEU A 198 -34.05 4.25 13.39
CA LEU A 198 -33.82 3.17 12.43
C LEU A 198 -35.01 3.07 11.46
N ASP A 199 -36.22 3.19 12.02
CA ASP A 199 -37.43 3.20 11.20
C ASP A 199 -37.38 4.33 10.18
N HIS A 200 -36.99 5.52 10.63
CA HIS A 200 -36.90 6.68 9.75
C HIS A 200 -35.95 6.46 8.58
N ILE A 201 -34.73 6.00 8.84
CA ILE A 201 -33.76 5.83 7.76
C ILE A 201 -34.14 4.66 6.86
N THR A 202 -34.86 3.69 7.43
CA THR A 202 -35.28 2.51 6.68
C THR A 202 -36.26 2.88 5.56
N THR A 203 -36.96 4.00 5.70
CA THR A 203 -37.87 4.46 4.65
C THR A 203 -37.11 4.88 3.39
N LEU A 204 -35.82 5.17 3.54
CA LEU A 204 -34.99 5.61 2.43
C LEU A 204 -34.49 4.45 1.59
N LEU A 205 -34.74 3.23 2.07
CA LEU A 205 -34.18 2.04 1.44
C LEU A 205 -35.24 1.27 0.66
N ARG A 206 -34.92 0.94 -0.59
CA ARG A 206 -35.79 0.15 -1.44
C ARG A 206 -36.00 -1.24 -0.85
N PRO A 207 -37.21 -1.79 -0.98
CA PRO A 207 -37.46 -3.17 -0.54
C PRO A 207 -36.47 -4.11 -1.21
N GLY A 208 -35.90 -5.03 -0.44
CA GLY A 208 -34.89 -5.94 -0.96
C GLY A 208 -33.50 -5.31 -0.92
N GLY A 209 -33.43 -4.08 -0.42
CA GLY A 209 -32.16 -3.37 -0.34
C GLY A 209 -31.37 -3.77 0.88
N HIS A 210 -30.12 -3.33 0.94
CA HIS A 210 -29.22 -3.73 2.03
C HIS A 210 -28.80 -2.58 2.93
N LEU A 211 -28.70 -2.86 4.22
CA LEU A 211 -28.18 -1.91 5.19
C LEU A 211 -26.94 -2.49 5.86
N LEU A 212 -25.82 -1.77 5.76
CA LEU A 212 -24.63 -2.13 6.54
C LEU A 212 -24.52 -1.16 7.71
N LEU A 213 -24.66 -1.68 8.92
CA LEU A 213 -24.71 -0.84 10.13
C LEU A 213 -23.55 -1.16 11.06
N ILE A 214 -22.78 -0.13 11.40
CA ILE A 214 -21.67 -0.26 12.35
C ILE A 214 -21.98 0.65 13.55
N GLY A 215 -21.64 0.20 14.76
CA GLY A 215 -21.97 1.00 15.93
C GLY A 215 -21.27 0.58 17.21
N ALA A 216 -21.36 1.44 18.22
CA ALA A 216 -20.72 1.18 19.51
C ALA A 216 -21.63 0.32 20.37
N LEU A 217 -21.04 -0.67 21.05
CA LEU A 217 -21.78 -1.51 21.99
C LEU A 217 -21.56 -1.05 23.43
N GLU A 218 -22.67 -0.96 24.18
CA GLU A 218 -22.65 -0.60 25.60
C GLU A 218 -21.86 0.67 25.91
N GLU A 219 -22.01 1.68 25.07
CA GLU A 219 -21.36 2.97 25.27
C GLU A 219 -22.39 3.96 25.83
N SER A 220 -21.93 4.90 26.65
CA SER A 220 -22.84 5.90 27.23
C SER A 220 -22.38 7.34 26.99
N TRP A 221 -21.12 7.53 26.64
CA TRP A 221 -20.61 8.88 26.33
C TRP A 221 -19.38 8.84 25.45
N TYR A 222 -19.16 9.91 24.69
CA TYR A 222 -17.87 10.14 24.03
C TYR A 222 -17.60 11.65 23.92
N LEU A 223 -16.33 11.99 23.72
CA LEU A 223 -15.91 13.37 23.66
C LEU A 223 -15.54 13.78 22.24
N ALA A 224 -15.79 15.04 21.90
CA ALA A 224 -15.35 15.59 20.61
C ALA A 224 -14.91 17.04 20.83
N GLY A 225 -13.73 17.19 21.43
CA GLY A 225 -13.22 18.51 21.76
C GLY A 225 -13.97 19.03 22.97
N GLU A 226 -14.64 20.17 22.82
CA GLU A 226 -15.41 20.75 23.91
C GLU A 226 -16.76 20.04 24.08
N ALA A 227 -17.18 19.26 23.09
CA ALA A 227 -18.47 18.58 23.18
C ALA A 227 -18.38 17.26 23.97
N ARG A 228 -19.38 17.03 24.80
CA ARG A 228 -19.52 15.78 25.52
C ARG A 228 -20.87 15.18 25.11
N LEU A 229 -20.82 14.08 24.37
CA LEU A 229 -22.03 13.52 23.78
C LEU A 229 -22.55 12.30 24.54
N THR A 230 -23.86 12.27 24.78
CA THR A 230 -24.51 11.15 25.42
C THR A 230 -24.85 10.05 24.40
N VAL A 231 -24.67 8.80 24.80
CA VAL A 231 -24.92 7.66 23.91
C VAL A 231 -25.83 6.66 24.60
N VAL A 232 -26.75 6.05 23.87
CA VAL A 232 -27.55 4.96 24.46
C VAL A 232 -26.74 3.67 24.40
N PRO A 233 -26.55 3.03 25.57
CA PRO A 233 -25.79 1.78 25.58
C PRO A 233 -26.66 0.65 25.02
N VAL A 234 -26.22 0.03 23.94
CA VAL A 234 -26.99 -1.08 23.34
C VAL A 234 -26.18 -2.36 23.30
N SER A 235 -26.89 -3.48 23.34
CA SER A 235 -26.26 -4.80 23.25
C SER A 235 -26.46 -5.34 21.86
N GLU A 236 -25.73 -6.41 21.52
CA GLU A 236 -25.87 -7.05 20.22
C GLU A 236 -27.30 -7.58 20.03
N GLU A 237 -27.84 -8.21 21.07
CA GLU A 237 -29.20 -8.72 20.98
C GLU A 237 -30.21 -7.60 20.76
N GLU A 238 -29.98 -6.46 21.41
CA GLU A 238 -30.86 -5.31 21.22
C GLU A 238 -30.78 -4.78 19.79
N VAL A 239 -29.57 -4.78 19.23
CA VAL A 239 -29.40 -4.37 17.84
C VAL A 239 -30.13 -5.34 16.89
N ARG A 240 -29.95 -6.64 17.13
CA ARG A 240 -30.60 -7.65 16.32
C ARG A 240 -32.12 -7.48 16.34
N GLU A 241 -32.67 -7.28 17.53
CA GLU A 241 -34.11 -7.16 17.71
C GLU A 241 -34.67 -5.90 17.06
N ALA A 242 -33.90 -4.81 17.09
CA ALA A 242 -34.32 -3.57 16.47
C ALA A 242 -34.38 -3.70 14.94
N LEU A 243 -33.37 -4.38 14.37
CA LEU A 243 -33.34 -4.63 12.93
C LEU A 243 -34.55 -5.45 12.51
N VAL A 244 -34.82 -6.51 13.25
CA VAL A 244 -36.00 -7.33 12.99
C VAL A 244 -37.27 -6.48 13.02
N ARG A 245 -37.44 -5.70 14.09
CA ARG A 245 -38.62 -4.86 14.26
C ARG A 245 -38.80 -3.84 13.13
N SER A 246 -37.69 -3.40 12.54
CA SER A 246 -37.74 -2.47 11.43
C SER A 246 -38.02 -3.17 10.11
N GLY A 247 -38.15 -4.49 10.15
CA GLY A 247 -38.48 -5.26 8.96
C GLY A 247 -37.29 -5.76 8.17
N TYR A 248 -36.19 -6.03 8.86
CA TYR A 248 -34.99 -6.56 8.21
C TYR A 248 -34.83 -8.04 8.49
N LYS A 249 -34.23 -8.76 7.53
CA LYS A 249 -33.67 -10.07 7.82
C LYS A 249 -32.19 -9.85 8.08
N VAL A 250 -31.73 -10.22 9.28
CA VAL A 250 -30.33 -10.06 9.64
C VAL A 250 -29.49 -11.13 8.96
N ARG A 251 -28.67 -10.72 8.00
CA ARG A 251 -27.80 -11.64 7.27
C ARG A 251 -26.51 -11.93 8.03
N ASP A 252 -26.07 -10.97 8.82
CA ASP A 252 -24.80 -11.09 9.55
C ASP A 252 -24.78 -10.08 10.68
N LEU A 253 -24.25 -10.50 11.83
CA LEU A 253 -24.10 -9.60 12.97
C LEU A 253 -22.94 -10.08 13.83
N ARG A 254 -21.85 -9.31 13.81
CA ARG A 254 -20.61 -9.68 14.51
C ARG A 254 -20.24 -8.64 15.55
N THR A 255 -19.45 -9.05 16.54
CA THR A 255 -19.01 -8.17 17.61
C THR A 255 -17.49 -8.14 17.72
N TYR A 256 -16.93 -6.93 17.84
CA TYR A 256 -15.51 -6.77 18.19
C TYR A 256 -15.44 -6.30 19.63
N ILE A 257 -14.75 -7.06 20.48
CA ILE A 257 -14.58 -6.64 21.86
C ILE A 257 -13.38 -5.70 21.96
N MET A 258 -13.57 -4.55 22.59
CA MET A 258 -12.53 -3.52 22.63
C MET A 258 -11.44 -3.92 23.63
N PRO A 259 -10.21 -4.13 23.13
CA PRO A 259 -9.09 -4.48 24.01
C PRO A 259 -8.71 -3.30 24.90
N ALA A 260 -8.09 -3.57 26.05
CA ALA A 260 -7.71 -2.52 26.98
C ALA A 260 -6.84 -1.42 26.35
N HIS A 261 -5.95 -1.80 25.44
CA HIS A 261 -5.05 -0.81 24.85
C HIS A 261 -5.78 0.18 23.92
N LEU A 262 -7.04 -0.09 23.60
CA LEU A 262 -7.80 0.84 22.77
C LEU A 262 -8.91 1.56 23.56
N GLN A 263 -8.93 1.32 24.87
CA GLN A 263 -9.83 2.04 25.79
C GLN A 263 -9.10 3.25 26.36
N THR A 264 -9.33 4.42 25.79
CA THR A 264 -8.42 5.56 25.96
C THR A 264 -8.91 6.76 26.77
N GLY A 265 -10.18 6.79 27.16
CA GLY A 265 -10.66 7.97 27.87
C GLY A 265 -11.34 9.01 27.00
N VAL A 266 -11.42 8.76 25.70
CA VAL A 266 -12.26 9.57 24.81
C VAL A 266 -13.72 9.11 24.84
N ASP A 267 -13.94 7.93 25.44
CA ASP A 267 -15.29 7.37 25.54
C ASP A 267 -15.27 6.17 26.47
N ASP A 268 -16.43 5.51 26.64
CA ASP A 268 -16.47 4.28 27.46
C ASP A 268 -16.99 3.08 26.66
N VAL A 269 -16.69 3.06 25.37
CA VAL A 269 -17.13 1.98 24.48
C VAL A 269 -16.60 0.62 24.90
N LYS A 270 -17.46 -0.40 24.85
CA LYS A 270 -17.07 -1.76 25.25
C LYS A 270 -16.80 -2.66 24.05
N GLY A 271 -17.47 -2.38 22.93
CA GLY A 271 -17.28 -3.14 21.71
C GLY A 271 -17.85 -2.43 20.51
N VAL A 272 -17.61 -2.99 19.33
CA VAL A 272 -18.18 -2.47 18.10
C VAL A 272 -18.97 -3.58 17.41
N PHE A 273 -20.16 -3.28 16.92
CA PHE A 273 -20.92 -4.28 16.18
C PHE A 273 -20.90 -3.99 14.69
N PHE A 274 -21.05 -5.05 13.90
CA PHE A 274 -21.28 -4.90 12.46
C PHE A 274 -22.49 -5.72 12.08
N ALA A 275 -23.47 -5.08 11.45
CA ALA A 275 -24.66 -5.77 10.98
C ALA A 275 -24.82 -5.61 9.47
N TRP A 276 -25.10 -6.72 8.81
CA TRP A 276 -25.51 -6.72 7.42
C TRP A 276 -26.96 -7.17 7.41
N ALA A 277 -27.86 -6.28 7.02
CA ALA A 277 -29.29 -6.56 7.07
C ALA A 277 -29.95 -6.26 5.73
N GLN A 278 -30.94 -7.07 5.38
CA GLN A 278 -31.66 -6.88 4.12
C GLN A 278 -33.14 -6.62 4.35
N LYS A 279 -33.63 -5.52 3.77
CA LYS A 279 -35.00 -5.09 3.98
C LYS A 279 -35.99 -6.08 3.36
N VAL A 280 -36.98 -6.49 4.13
CA VAL A 280 -38.05 -7.35 3.62
C VAL A 280 -39.42 -6.77 4.00
N PRO B 14 41.87 -9.34 -24.54
CA PRO B 14 42.31 -7.94 -24.71
C PRO B 14 42.48 -7.21 -23.38
N ASP B 15 42.92 -5.97 -23.45
CA ASP B 15 43.19 -5.17 -22.26
C ASP B 15 41.90 -4.55 -21.72
N SER B 16 41.60 -4.80 -20.46
CA SER B 16 40.33 -4.36 -19.88
C SER B 16 40.43 -3.05 -19.12
N ALA B 17 41.64 -2.67 -18.71
CA ALA B 17 41.82 -1.48 -17.90
C ALA B 17 41.26 -0.19 -18.52
N PRO B 18 41.54 0.05 -19.80
CA PRO B 18 41.07 1.30 -20.43
C PRO B 18 39.55 1.47 -20.39
N GLY B 19 38.83 0.44 -20.80
CA GLY B 19 37.38 0.49 -20.78
C GLY B 19 36.84 0.71 -19.38
N GLN B 20 37.48 0.09 -18.40
CA GLN B 20 37.04 0.21 -17.02
C GLN B 20 37.34 1.60 -16.45
N ALA B 21 38.40 2.23 -16.96
CA ALA B 21 38.76 3.58 -16.56
C ALA B 21 37.73 4.57 -17.11
N ALA B 22 37.25 4.31 -18.32
CA ALA B 22 36.21 5.13 -18.92
C ALA B 22 34.95 5.08 -18.04
N VAL B 23 34.56 3.88 -17.66
CA VAL B 23 33.38 3.68 -16.79
C VAL B 23 33.54 4.41 -15.45
N ALA B 24 34.66 4.16 -14.76
CA ALA B 24 34.90 4.79 -13.48
C ALA B 24 34.84 6.32 -13.57
N SER B 25 35.42 6.86 -14.65
CA SER B 25 35.40 8.31 -14.89
C SER B 25 33.98 8.84 -15.10
N ALA B 26 33.22 8.19 -15.97
CA ALA B 26 31.85 8.62 -16.25
C ALA B 26 30.99 8.63 -14.98
N TYR B 27 31.19 7.66 -14.10
CA TYR B 27 30.36 7.58 -12.89
C TYR B 27 30.69 8.65 -11.85
N GLN B 28 31.79 9.39 -12.06
CA GLN B 28 32.12 10.45 -11.12
C GLN B 28 31.14 11.61 -11.24
N ARG B 29 30.35 11.59 -12.30
CA ARG B 29 29.30 12.61 -12.48
C ARG B 29 27.87 12.10 -12.23
N PHE B 30 27.76 10.83 -11.88
CA PHE B 30 26.45 10.23 -11.56
C PHE B 30 25.78 11.00 -10.42
N GLU B 31 24.56 11.46 -10.64
CA GLU B 31 23.80 12.17 -9.62
C GLU B 31 22.60 11.34 -9.15
N PRO B 32 22.66 10.85 -7.90
CA PRO B 32 21.64 9.92 -7.39
C PRO B 32 20.21 10.47 -7.43
N ARG B 33 20.02 11.73 -7.07
CA ARG B 33 18.67 12.30 -7.05
C ARG B 33 18.02 12.37 -8.43
N ALA B 34 18.79 12.80 -9.43
CA ALA B 34 18.31 12.81 -10.80
C ALA B 34 18.02 11.38 -11.28
N TYR B 35 18.91 10.46 -10.95
CA TYR B 35 18.70 9.04 -11.28
C TYR B 35 17.41 8.50 -10.66
N LEU B 36 17.19 8.81 -9.39
CA LEU B 36 16.00 8.35 -8.69
C LEU B 36 14.73 8.88 -9.35
N ARG B 37 14.74 10.17 -9.65
CA ARG B 37 13.61 10.80 -10.30
C ARG B 37 13.34 10.22 -11.70
N ASN B 38 14.42 9.99 -12.45
CA ASN B 38 14.30 9.46 -13.81
C ASN B 38 13.67 8.07 -13.87
N ASN B 39 13.87 7.27 -12.82
CA ASN B 39 13.53 5.86 -12.90
C ASN B 39 12.50 5.37 -11.88
N TYR B 40 12.39 6.06 -10.74
CA TYR B 40 11.56 5.58 -9.63
C TYR B 40 10.53 6.59 -9.13
N ALA B 41 10.32 7.64 -9.91
CA ALA B 41 9.17 8.53 -9.76
C ALA B 41 8.34 8.44 -11.04
N PRO B 42 7.05 8.81 -10.98
CA PRO B 42 6.18 8.76 -12.16
C PRO B 42 6.81 9.45 -13.36
N PRO B 43 6.56 8.94 -14.58
CA PRO B 43 5.64 7.83 -14.87
C PRO B 43 6.21 6.43 -14.63
N ARG B 44 7.53 6.27 -14.69
CA ARG B 44 8.11 4.94 -14.48
C ARG B 44 7.90 4.44 -13.05
N GLY B 45 7.87 5.37 -12.11
CA GLY B 45 7.65 5.02 -10.72
C GLY B 45 6.18 4.99 -10.36
N ASP B 46 5.30 5.10 -11.37
CA ASP B 46 3.87 5.01 -11.11
C ASP B 46 3.47 3.55 -11.01
N LEU B 47 3.02 3.14 -9.83
CA LEU B 47 2.74 1.74 -9.60
C LEU B 47 1.26 1.40 -9.70
N CYS B 48 0.44 2.37 -10.09
CA CYS B 48 -1.00 2.13 -10.20
C CYS B 48 -1.40 1.26 -11.40
N ASN B 49 -0.77 1.49 -12.54
CA ASN B 49 -1.02 0.68 -13.74
C ASN B 49 -0.33 -0.67 -13.65
N PRO B 50 -1.12 -1.75 -13.60
CA PRO B 50 -0.57 -3.11 -13.45
C PRO B 50 0.28 -3.53 -14.66
N ASN B 51 0.19 -2.79 -15.77
CA ASN B 51 0.94 -3.11 -16.97
C ASN B 51 2.28 -2.38 -17.05
N GLY B 52 2.59 -1.60 -16.01
CA GLY B 52 3.82 -0.82 -15.98
C GLY B 52 5.02 -1.62 -15.54
N VAL B 53 6.20 -1.04 -15.70
CA VAL B 53 7.45 -1.75 -15.44
C VAL B 53 7.71 -1.92 -13.93
N GLY B 54 7.24 -0.97 -13.13
CA GLY B 54 7.42 -1.05 -11.69
C GLY B 54 6.73 -2.27 -11.10
N PRO B 55 5.42 -2.39 -11.34
CA PRO B 55 4.67 -3.56 -10.86
C PRO B 55 5.22 -4.87 -11.41
N TRP B 56 5.66 -4.89 -12.68
CA TRP B 56 6.22 -6.10 -13.27
C TRP B 56 7.47 -6.58 -12.51
N LYS B 57 8.39 -5.67 -12.24
CA LYS B 57 9.58 -5.99 -11.47
C LYS B 57 9.24 -6.52 -10.07
N LEU B 58 8.35 -5.84 -9.36
CA LEU B 58 8.01 -6.23 -8.00
C LEU B 58 7.34 -7.61 -7.99
N ARG B 59 6.53 -7.85 -9.02
CA ARG B 59 5.85 -9.12 -9.22
C ARG B 59 6.85 -10.26 -9.45
N CYS B 60 7.83 -10.04 -10.33
CA CYS B 60 8.85 -11.07 -10.57
C CYS B 60 9.54 -11.46 -9.27
N LEU B 61 9.90 -10.45 -8.47
CA LEU B 61 10.60 -10.70 -7.22
C LEU B 61 9.70 -11.40 -6.19
N ALA B 62 8.48 -10.88 -6.01
CA ALA B 62 7.54 -11.46 -5.06
C ALA B 62 7.23 -12.92 -5.39
N GLN B 63 6.91 -13.19 -6.64
CA GLN B 63 6.59 -14.55 -7.08
C GLN B 63 7.77 -15.50 -6.89
N THR B 64 8.99 -15.01 -7.09
CA THR B 64 10.15 -15.87 -6.94
C THR B 64 10.33 -16.28 -5.48
N PHE B 65 10.21 -15.32 -4.57
CA PHE B 65 10.40 -15.61 -3.15
C PHE B 65 9.23 -16.41 -2.57
N ALA B 66 8.06 -16.30 -3.19
CA ALA B 66 6.88 -17.01 -2.73
C ALA B 66 6.97 -18.53 -2.98
N THR B 67 7.87 -18.95 -3.87
CA THR B 67 8.10 -20.37 -4.10
C THR B 67 8.67 -21.04 -2.84
N GLY B 68 9.25 -20.23 -1.97
CA GLY B 68 9.95 -20.74 -0.79
C GLY B 68 11.31 -21.35 -1.14
N GLU B 69 11.62 -21.41 -2.43
CA GLU B 69 12.85 -22.06 -2.88
C GLU B 69 14.09 -21.20 -2.68
N VAL B 70 13.90 -19.90 -2.52
CA VAL B 70 15.02 -18.98 -2.35
C VAL B 70 15.11 -18.50 -0.92
N SER B 71 15.93 -19.16 -0.11
CA SER B 71 16.08 -18.76 1.28
C SER B 71 17.46 -19.11 1.80
N GLY B 72 17.71 -18.74 3.05
CA GLY B 72 18.99 -18.96 3.68
C GLY B 72 19.21 -17.91 4.75
N ARG B 73 20.47 -17.68 5.11
CA ARG B 73 20.78 -16.74 6.16
C ARG B 73 21.25 -15.38 5.62
N THR B 74 22.08 -15.41 4.59
CA THR B 74 22.74 -14.19 4.13
C THR B 74 22.51 -13.88 2.64
N LEU B 75 22.32 -12.61 2.35
CA LEU B 75 22.10 -12.16 0.98
C LEU B 75 22.95 -10.93 0.65
N ILE B 76 23.45 -10.86 -0.57
CA ILE B 76 24.23 -9.68 -1.00
C ILE B 76 23.57 -9.05 -2.21
N ASP B 77 23.28 -7.76 -2.10
CA ASP B 77 22.77 -6.98 -3.21
C ASP B 77 23.95 -6.33 -3.92
N ILE B 78 24.13 -6.66 -5.21
CA ILE B 78 25.26 -6.18 -6.00
C ILE B 78 24.94 -4.89 -6.77
N GLY B 79 25.65 -3.82 -6.47
CA GLY B 79 25.44 -2.55 -7.14
C GLY B 79 24.08 -1.95 -6.82
N SER B 80 23.76 -1.86 -5.53
CA SER B 80 22.48 -1.31 -5.06
C SER B 80 22.16 0.09 -5.56
N GLY B 81 23.20 0.88 -5.84
CA GLY B 81 22.99 2.30 -6.11
C GLY B 81 22.25 2.92 -4.93
N PRO B 82 21.36 3.88 -5.19
CA PRO B 82 20.57 4.51 -4.14
C PRO B 82 19.17 3.91 -3.94
N THR B 83 18.97 2.66 -4.35
CA THR B 83 17.61 2.09 -4.33
C THR B 83 17.46 0.89 -3.40
N VAL B 84 16.24 0.67 -2.92
CA VAL B 84 15.96 -0.43 -2.01
C VAL B 84 14.81 -1.33 -2.50
N TYR B 85 14.12 -0.92 -3.56
CA TYR B 85 12.94 -1.66 -4.03
C TYR B 85 13.27 -3.13 -4.33
N GLN B 86 14.50 -3.38 -4.76
CA GLN B 86 14.91 -4.72 -5.18
C GLN B 86 15.02 -5.70 -4.01
N LEU B 87 14.89 -5.18 -2.79
CA LEU B 87 15.03 -6.00 -1.59
C LEU B 87 13.73 -6.09 -0.79
N LEU B 88 12.68 -5.45 -1.28
CA LEU B 88 11.43 -5.39 -0.52
C LEU B 88 10.84 -6.77 -0.24
N SER B 89 10.78 -7.64 -1.24
CA SER B 89 10.26 -9.00 -1.01
C SER B 89 11.33 -9.94 -0.43
N ALA B 90 12.59 -9.66 -0.72
CA ALA B 90 13.69 -10.49 -0.22
C ALA B 90 13.84 -10.45 1.30
N CYS B 91 13.57 -9.30 1.91
CA CYS B 91 13.97 -9.09 3.28
C CYS B 91 13.27 -10.01 4.30
N SER B 92 12.11 -10.55 3.93
CA SER B 92 11.44 -11.50 4.84
C SER B 92 12.08 -12.89 4.83
N HIS B 93 13.01 -13.14 3.92
CA HIS B 93 13.61 -14.47 3.78
C HIS B 93 15.09 -14.51 4.15
N PHE B 94 15.69 -13.36 4.44
CA PHE B 94 17.12 -13.32 4.76
C PHE B 94 17.41 -12.39 5.91
N GLU B 95 17.96 -12.96 7.00
CA GLU B 95 18.18 -12.19 8.21
C GLU B 95 19.39 -11.26 8.12
N ASP B 96 20.31 -11.58 7.23
CA ASP B 96 21.50 -10.74 7.05
C ASP B 96 21.65 -10.28 5.62
N ILE B 97 21.46 -8.98 5.39
CA ILE B 97 21.54 -8.40 4.05
C ILE B 97 22.72 -7.43 3.94
N THR B 98 23.53 -7.63 2.92
CA THR B 98 24.61 -6.71 2.58
C THR B 98 24.18 -5.90 1.36
N MET B 99 24.23 -4.58 1.46
CA MET B 99 24.05 -3.71 0.29
C MET B 99 25.41 -3.19 -0.14
N THR B 100 25.55 -2.86 -1.42
CA THR B 100 26.85 -2.44 -1.95
C THR B 100 26.70 -1.38 -3.03
N ASP B 101 27.71 -0.52 -3.17
CA ASP B 101 27.85 0.28 -4.37
C ASP B 101 29.25 0.83 -4.59
N PHE B 102 29.54 1.11 -5.86
CA PHE B 102 30.82 1.68 -6.26
C PHE B 102 30.99 3.11 -5.74
N LEU B 103 29.89 3.85 -5.70
CA LEU B 103 29.94 5.27 -5.38
C LEU B 103 29.57 5.59 -3.93
N GLU B 104 30.41 6.39 -3.28
CA GLU B 104 30.12 6.90 -1.95
C GLU B 104 28.80 7.65 -1.89
N VAL B 105 28.50 8.44 -2.92
CA VAL B 105 27.28 9.24 -2.90
C VAL B 105 26.03 8.35 -2.87
N ASN B 106 26.11 7.17 -3.47
CA ASN B 106 25.00 6.22 -3.39
C ASN B 106 24.90 5.59 -2.01
N ARG B 107 26.04 5.19 -1.44
CA ARG B 107 26.05 4.63 -0.10
C ARG B 107 25.50 5.63 0.92
N GLN B 108 25.78 6.91 0.69
CA GLN B 108 25.28 7.99 1.54
C GLN B 108 23.77 8.09 1.44
N GLU B 109 23.26 7.98 0.21
CA GLU B 109 21.84 8.00 -0.03
C GLU B 109 21.15 6.86 0.74
N LEU B 110 21.73 5.67 0.65
CA LEU B 110 21.20 4.53 1.40
C LEU B 110 21.25 4.81 2.90
N GLY B 111 22.34 5.46 3.34
CA GLY B 111 22.49 5.83 4.73
C GLY B 111 21.36 6.74 5.21
N ARG B 112 20.94 7.67 4.36
CA ARG B 112 19.87 8.59 4.73
C ARG B 112 18.56 7.84 4.93
N TRP B 113 18.30 6.88 4.05
CA TRP B 113 17.08 6.08 4.18
C TRP B 113 17.14 5.15 5.38
N LEU B 114 18.31 4.57 5.65
CA LEU B 114 18.45 3.68 6.80
C LEU B 114 18.20 4.40 8.12
N GLN B 115 18.52 5.69 8.14
CA GLN B 115 18.33 6.53 9.32
C GLN B 115 16.92 7.09 9.36
N GLU B 116 16.10 6.71 8.40
CA GLU B 116 14.72 7.17 8.33
C GLU B 116 14.65 8.69 8.35
N GLU B 117 15.53 9.33 7.60
CA GLU B 117 15.54 10.79 7.53
C GLU B 117 14.51 11.30 6.54
N PRO B 118 13.95 12.49 6.82
CA PRO B 118 12.96 13.11 5.93
C PRO B 118 13.53 13.44 4.56
N GLY B 119 14.81 13.82 4.52
CA GLY B 119 15.47 14.15 3.28
C GLY B 119 15.72 12.96 2.36
N ALA B 120 15.48 11.75 2.88
CA ALA B 120 15.70 10.53 2.11
C ALA B 120 14.64 10.34 1.04
N PHE B 121 14.98 9.62 -0.03
CA PHE B 121 13.99 9.29 -1.03
C PHE B 121 12.86 8.51 -0.39
N ASN B 122 11.64 8.76 -0.84
CA ASN B 122 10.46 8.10 -0.29
C ASN B 122 10.11 6.87 -1.10
N TRP B 123 10.35 5.69 -0.51
CA TRP B 123 10.12 4.41 -1.17
C TRP B 123 8.75 3.82 -0.83
N SER B 124 7.93 4.58 -0.11
CA SER B 124 6.69 4.03 0.43
C SER B 124 5.71 3.52 -0.62
N MET B 125 5.72 4.09 -1.83
CA MET B 125 4.83 3.59 -2.88
C MET B 125 5.23 2.18 -3.29
N TYR B 126 6.53 1.94 -3.38
CA TYR B 126 7.06 0.61 -3.66
C TYR B 126 6.81 -0.37 -2.51
N SER B 127 7.06 0.09 -1.29
CA SER B 127 6.81 -0.72 -0.10
C SER B 127 5.34 -1.16 -0.02
N GLN B 128 4.43 -0.22 -0.24
CA GLN B 128 3.01 -0.53 -0.22
C GLN B 128 2.64 -1.53 -1.30
N HIS B 129 3.21 -1.36 -2.49
CA HIS B 129 2.88 -2.27 -3.59
C HIS B 129 3.39 -3.68 -3.31
N ALA B 130 4.59 -3.78 -2.75
CA ALA B 130 5.12 -5.08 -2.35
C ALA B 130 4.19 -5.77 -1.35
N CYS B 131 3.72 -5.03 -0.34
CA CYS B 131 2.80 -5.60 0.65
C CYS B 131 1.52 -6.05 -0.03
N LEU B 132 1.05 -5.23 -0.97
CA LEU B 132 -0.15 -5.54 -1.73
C LEU B 132 -0.04 -6.88 -2.47
N ILE B 133 1.03 -7.06 -3.23
CA ILE B 133 1.14 -8.27 -4.05
C ILE B 133 1.60 -9.50 -3.28
N GLU B 134 2.29 -9.30 -2.16
CA GLU B 134 2.70 -10.43 -1.33
C GLU B 134 1.50 -11.09 -0.65
N GLY B 135 0.44 -10.32 -0.47
CA GLY B 135 -0.84 -10.85 0.00
C GLY B 135 -0.90 -11.36 1.42
N LYS B 136 -0.12 -10.75 2.31
CA LYS B 136 -0.05 -11.21 3.69
C LYS B 136 -0.69 -10.23 4.67
N GLY B 137 -1.30 -9.18 4.12
CA GLY B 137 -1.92 -8.15 4.94
C GLY B 137 -0.93 -7.34 5.73
N GLU B 138 0.34 -7.35 5.30
CA GLU B 138 1.38 -6.60 5.99
C GLU B 138 1.28 -5.11 5.67
N CYS B 139 1.41 -4.27 6.69
CA CYS B 139 1.43 -2.83 6.48
C CYS B 139 2.82 -2.39 6.02
N TRP B 140 2.88 -1.36 5.19
CA TRP B 140 4.16 -0.98 4.58
C TRP B 140 5.18 -0.48 5.61
N GLN B 141 4.69 0.07 6.72
CA GLN B 141 5.60 0.52 7.77
C GLN B 141 6.37 -0.65 8.36
N ASP B 142 5.70 -1.78 8.53
CA ASP B 142 6.34 -2.98 9.09
C ASP B 142 7.35 -3.56 8.10
N LYS B 143 7.02 -3.47 6.82
CA LYS B 143 7.92 -3.99 5.78
C LYS B 143 9.22 -3.19 5.77
N GLU B 144 9.11 -1.86 5.80
CA GLU B 144 10.29 -1.00 5.80
C GLU B 144 11.12 -1.16 7.07
N ARG B 145 10.44 -1.35 8.20
CA ARG B 145 11.15 -1.55 9.45
C ARG B 145 12.00 -2.83 9.40
N GLN B 146 11.44 -3.90 8.83
CA GLN B 146 12.16 -5.16 8.71
C GLN B 146 13.36 -5.07 7.77
N LEU B 147 13.22 -4.33 6.67
CA LEU B 147 14.33 -4.15 5.74
C LEU B 147 15.46 -3.40 6.42
N ARG B 148 15.12 -2.28 7.06
CA ARG B 148 16.11 -1.51 7.81
C ARG B 148 16.82 -2.35 8.87
N ALA B 149 16.10 -3.25 9.52
CA ALA B 149 16.69 -4.08 10.57
C ALA B 149 17.68 -5.09 9.99
N ARG B 150 17.37 -5.58 8.79
CA ARG B 150 18.13 -6.68 8.20
C ARG B 150 19.31 -6.27 7.33
N VAL B 151 19.36 -4.99 6.96
CA VAL B 151 20.56 -4.46 6.31
C VAL B 151 21.66 -4.30 7.36
N LYS B 152 22.67 -5.16 7.29
CA LYS B 152 23.69 -5.23 8.35
C LYS B 152 24.94 -4.43 8.02
N ARG B 153 25.06 -4.01 6.75
CA ARG B 153 26.23 -3.27 6.30
C ARG B 153 26.03 -2.75 4.88
N VAL B 154 26.72 -1.66 4.55
CA VAL B 154 26.72 -1.10 3.20
C VAL B 154 28.17 -0.90 2.79
N LEU B 155 28.61 -1.61 1.75
CA LEU B 155 30.03 -1.69 1.43
C LEU B 155 30.38 -1.21 0.02
N PRO B 156 31.61 -0.72 -0.16
CA PRO B 156 32.10 -0.44 -1.52
C PRO B 156 32.16 -1.73 -2.31
N ILE B 157 32.06 -1.62 -3.64
CA ILE B 157 32.20 -2.78 -4.50
C ILE B 157 32.64 -2.37 -5.90
N ASP B 158 33.42 -3.23 -6.54
CA ASP B 158 33.80 -3.06 -7.95
C ASP B 158 33.72 -4.43 -8.60
N VAL B 159 32.68 -4.67 -9.39
CA VAL B 159 32.44 -5.98 -9.99
C VAL B 159 33.51 -6.34 -11.02
N HIS B 160 34.37 -5.39 -11.35
CA HIS B 160 35.43 -5.66 -12.33
C HIS B 160 36.67 -6.29 -11.69
N GLN B 161 36.72 -6.28 -10.36
CA GLN B 161 37.82 -6.93 -9.65
C GLN B 161 37.53 -8.40 -9.42
N PRO B 162 38.57 -9.25 -9.50
CA PRO B 162 38.38 -10.68 -9.22
C PRO B 162 37.75 -10.91 -7.84
N GLN B 163 38.10 -10.07 -6.87
CA GLN B 163 37.39 -10.04 -5.59
C GLN B 163 36.63 -8.72 -5.45
N PRO B 164 35.35 -8.72 -5.89
CA PRO B 164 34.58 -7.48 -5.99
C PRO B 164 34.47 -6.69 -4.68
N LEU B 165 34.47 -7.38 -3.54
CA LEU B 165 34.36 -6.69 -2.25
C LEU B 165 35.72 -6.43 -1.64
N GLY B 166 36.77 -6.93 -2.30
CA GLY B 166 38.12 -6.78 -1.80
C GLY B 166 38.52 -7.95 -0.92
N ALA B 167 39.77 -7.96 -0.47
CA ALA B 167 40.27 -9.06 0.35
C ALA B 167 39.88 -8.89 1.82
N GLY B 168 39.44 -9.99 2.43
CA GLY B 168 39.09 -9.99 3.84
C GLY B 168 37.90 -9.12 4.19
N SER B 169 36.93 -9.07 3.27
CA SER B 169 35.74 -8.23 3.44
C SER B 169 34.97 -8.56 4.70
N PRO B 170 34.21 -7.58 5.22
CA PRO B 170 33.34 -7.79 6.38
C PRO B 170 32.21 -8.74 6.04
N ALA B 171 31.79 -8.77 4.78
CA ALA B 171 30.61 -9.52 4.38
C ALA B 171 30.76 -11.02 4.62
N PRO B 172 29.70 -11.65 5.14
CA PRO B 172 29.67 -13.11 5.31
C PRO B 172 29.75 -13.80 3.96
N LEU B 173 30.81 -14.57 3.75
CA LEU B 173 31.00 -15.27 2.48
C LEU B 173 31.24 -16.76 2.73
N PRO B 174 30.70 -17.62 1.86
CA PRO B 174 29.91 -17.19 0.71
C PRO B 174 28.45 -16.95 1.08
N ALA B 175 27.78 -16.12 0.29
CA ALA B 175 26.39 -15.78 0.54
C ALA B 175 25.46 -16.88 0.04
N ASP B 176 24.27 -16.97 0.64
CA ASP B 176 23.24 -17.91 0.20
C ASP B 176 22.52 -17.42 -1.05
N ALA B 177 22.50 -16.10 -1.26
CA ALA B 177 21.83 -15.52 -2.42
C ALA B 177 22.41 -14.17 -2.82
N LEU B 178 22.32 -13.88 -4.11
CA LEU B 178 22.68 -12.57 -4.66
C LEU B 178 21.46 -11.95 -5.33
N VAL B 179 21.30 -10.64 -5.14
CA VAL B 179 20.36 -9.88 -5.95
C VAL B 179 21.19 -8.82 -6.67
N SER B 180 20.82 -8.49 -7.90
CA SER B 180 21.49 -7.41 -8.60
C SER B 180 20.59 -6.81 -9.68
N ALA B 181 20.35 -5.51 -9.59
CA ALA B 181 19.48 -4.86 -10.55
C ALA B 181 20.14 -3.71 -11.30
N PHE B 182 20.09 -3.79 -12.62
CA PHE B 182 20.57 -2.72 -13.51
C PHE B 182 22.03 -2.31 -13.26
N CYS B 183 22.85 -3.26 -12.84
CA CYS B 183 24.26 -2.95 -12.58
C CYS B 183 25.20 -3.43 -13.69
N LEU B 184 25.27 -4.75 -13.89
CA LEU B 184 26.28 -5.33 -14.77
C LEU B 184 26.35 -4.70 -16.16
N GLU B 185 25.22 -4.58 -16.85
CA GLU B 185 25.23 -4.02 -18.20
C GLU B 185 25.52 -2.53 -18.20
N ALA B 186 25.29 -1.88 -17.06
CA ALA B 186 25.47 -0.44 -16.95
C ALA B 186 26.90 -0.05 -16.59
N VAL B 187 27.73 -1.02 -16.28
CA VAL B 187 29.11 -0.72 -15.89
C VAL B 187 30.13 -1.47 -16.75
N SER B 188 29.65 -2.22 -17.73
CA SER B 188 30.52 -3.01 -18.62
C SER B 188 30.55 -2.45 -20.03
N PRO B 189 31.76 -2.16 -20.54
CA PRO B 189 31.96 -1.59 -21.88
C PRO B 189 31.44 -2.50 -22.99
N ASP B 190 31.55 -3.80 -22.79
CA ASP B 190 31.11 -4.75 -23.81
C ASP B 190 30.74 -6.09 -23.20
N LEU B 191 30.31 -7.02 -24.05
CA LEU B 191 29.81 -8.31 -23.58
C LEU B 191 30.88 -9.12 -22.84
N ALA B 192 32.12 -9.05 -23.30
CA ALA B 192 33.22 -9.78 -22.66
C ALA B 192 33.39 -9.33 -21.21
N SER B 193 33.31 -8.02 -20.99
CA SER B 193 33.40 -7.43 -19.65
C SER B 193 32.21 -7.82 -18.77
N PHE B 194 31.04 -7.82 -19.36
CA PHE B 194 29.80 -8.21 -18.68
C PHE B 194 29.96 -9.64 -18.14
N GLN B 195 30.45 -10.53 -19.00
CA GLN B 195 30.66 -11.92 -18.64
C GLN B 195 31.65 -12.08 -17.49
N ARG B 196 32.78 -11.36 -17.56
CA ARG B 196 33.77 -11.40 -16.49
C ARG B 196 33.18 -10.89 -15.18
N ALA B 197 32.38 -9.83 -15.28
CA ALA B 197 31.77 -9.23 -14.10
C ALA B 197 30.84 -10.24 -13.41
N LEU B 198 30.07 -10.96 -14.22
CA LEU B 198 29.20 -12.03 -13.72
C LEU B 198 30.01 -13.14 -13.06
N ASP B 199 31.13 -13.50 -13.70
CA ASP B 199 32.05 -14.48 -13.14
C ASP B 199 32.55 -14.01 -11.78
N HIS B 200 32.96 -12.75 -11.70
CA HIS B 200 33.48 -12.18 -10.45
C HIS B 200 32.45 -12.24 -9.30
N ILE B 201 31.22 -11.81 -9.54
CA ILE B 201 30.24 -11.79 -8.45
C ILE B 201 29.80 -13.20 -8.09
N THR B 202 29.91 -14.12 -9.06
CA THR B 202 29.52 -15.50 -8.82
C THR B 202 30.42 -16.19 -7.80
N THR B 203 31.64 -15.68 -7.63
CA THR B 203 32.54 -16.22 -6.60
C THR B 203 32.01 -15.94 -5.20
N LEU B 204 31.08 -14.99 -5.10
CA LEU B 204 30.54 -14.57 -3.81
C LEU B 204 29.40 -15.46 -3.35
N LEU B 205 28.92 -16.32 -4.24
CA LEU B 205 27.71 -17.11 -4.01
C LEU B 205 28.06 -18.58 -3.75
N ARG B 206 27.42 -19.19 -2.78
CA ARG B 206 27.68 -20.60 -2.48
C ARG B 206 27.16 -21.50 -3.60
N PRO B 207 27.79 -22.65 -3.81
CA PRO B 207 27.23 -23.64 -4.74
C PRO B 207 25.80 -23.97 -4.31
N GLY B 208 24.89 -24.00 -5.27
CA GLY B 208 23.49 -24.27 -4.96
C GLY B 208 22.73 -23.02 -4.57
N GLY B 209 23.44 -21.91 -4.45
CA GLY B 209 22.82 -20.64 -4.10
C GLY B 209 22.10 -20.03 -5.28
N HIS B 210 21.32 -18.97 -5.02
CA HIS B 210 20.47 -18.38 -6.05
C HIS B 210 20.83 -16.93 -6.37
N LEU B 211 20.80 -16.60 -7.67
CA LEU B 211 20.99 -15.23 -8.13
C LEU B 211 19.71 -14.72 -8.78
N LEU B 212 19.24 -13.57 -8.34
CA LEU B 212 18.14 -12.89 -9.01
C LEU B 212 18.71 -11.66 -9.70
N LEU B 213 18.66 -11.66 -11.03
CA LEU B 213 19.30 -10.61 -11.82
C LEU B 213 18.26 -9.85 -12.65
N ILE B 214 18.20 -8.53 -12.47
CA ILE B 214 17.33 -7.66 -13.26
C ILE B 214 18.19 -6.71 -14.08
N GLY B 215 17.79 -6.43 -15.31
CA GLY B 215 18.57 -5.53 -16.12
C GLY B 215 17.89 -5.07 -17.40
N ALA B 216 18.56 -4.14 -18.09
CA ALA B 216 18.04 -3.51 -19.28
C ALA B 216 18.43 -4.27 -20.53
N LEU B 217 17.47 -4.42 -21.45
CA LEU B 217 17.70 -5.09 -22.72
C LEU B 217 17.92 -4.09 -23.85
N GLU B 218 18.94 -4.33 -24.66
CA GLU B 218 19.24 -3.51 -25.83
C GLU B 218 19.35 -2.02 -25.53
N GLU B 219 19.98 -1.69 -24.40
CA GLU B 219 20.19 -0.30 -23.99
C GLU B 219 21.64 0.12 -24.26
N SER B 220 21.83 1.35 -24.74
CA SER B 220 23.18 1.85 -24.98
C SER B 220 23.55 3.10 -24.15
N TRP B 221 22.56 3.76 -23.57
CA TRP B 221 22.83 4.93 -22.71
C TRP B 221 21.70 5.21 -21.73
N TYR B 222 22.03 5.92 -20.64
CA TYR B 222 21.00 6.48 -19.76
C TYR B 222 21.56 7.71 -19.05
N LEU B 223 20.66 8.53 -18.50
CA LEU B 223 21.07 9.79 -17.88
C LEU B 223 20.97 9.76 -16.36
N ALA B 224 21.90 10.41 -15.69
CA ALA B 224 21.83 10.57 -14.24
C ALA B 224 22.28 11.99 -13.89
N GLY B 225 21.49 12.97 -14.32
CA GLY B 225 21.83 14.37 -14.13
C GLY B 225 22.68 14.85 -15.29
N GLU B 226 23.85 15.39 -14.99
CA GLU B 226 24.80 15.81 -16.02
C GLU B 226 25.36 14.59 -16.72
N ALA B 227 25.51 13.52 -15.96
CA ALA B 227 26.12 12.29 -16.46
C ALA B 227 25.27 11.58 -17.50
N ARG B 228 25.86 11.32 -18.66
CA ARG B 228 25.28 10.41 -19.64
C ARG B 228 26.17 9.17 -19.69
N LEU B 229 25.62 8.05 -19.25
CA LEU B 229 26.43 6.86 -19.07
C LEU B 229 26.23 5.84 -20.18
N THR B 230 27.32 5.17 -20.56
CA THR B 230 27.28 4.19 -21.64
C THR B 230 26.92 2.81 -21.12
N VAL B 231 26.09 2.09 -21.88
CA VAL B 231 25.62 0.77 -21.49
C VAL B 231 25.87 -0.21 -22.62
N VAL B 232 26.22 -1.45 -22.28
CA VAL B 232 26.37 -2.47 -23.31
C VAL B 232 25.01 -3.06 -23.63
N PRO B 233 24.60 -2.97 -24.91
CA PRO B 233 23.30 -3.50 -25.31
C PRO B 233 23.35 -5.02 -25.32
N VAL B 234 22.54 -5.66 -24.48
CA VAL B 234 22.49 -7.11 -24.46
C VAL B 234 21.09 -7.61 -24.80
N SER B 235 21.00 -8.83 -25.30
CA SER B 235 19.72 -9.45 -25.60
C SER B 235 19.43 -10.51 -24.54
N GLU B 236 18.21 -11.02 -24.54
CA GLU B 236 17.83 -12.09 -23.65
C GLU B 236 18.69 -13.33 -23.85
N GLU B 237 18.99 -13.66 -25.09
CA GLU B 237 19.78 -14.86 -25.37
C GLU B 237 21.24 -14.69 -24.91
N GLU B 238 21.78 -13.49 -25.06
CA GLU B 238 23.10 -13.19 -24.52
C GLU B 238 23.13 -13.29 -23.00
N VAL B 239 22.06 -12.82 -22.34
CA VAL B 239 21.98 -12.94 -20.88
C VAL B 239 21.90 -14.41 -20.47
N ARG B 240 21.08 -15.18 -21.16
CA ARG B 240 20.94 -16.59 -20.84
C ARG B 240 22.27 -17.32 -21.00
N GLU B 241 22.99 -17.02 -22.08
CA GLU B 241 24.26 -17.69 -22.33
C GLU B 241 25.33 -17.29 -21.31
N ALA B 242 25.36 -16.02 -20.92
CA ALA B 242 26.29 -15.57 -19.89
C ALA B 242 26.10 -16.35 -18.60
N LEU B 243 24.83 -16.57 -18.23
CA LEU B 243 24.49 -17.30 -17.01
C LEU B 243 24.94 -18.75 -17.05
N VAL B 244 24.67 -19.42 -18.18
CA VAL B 244 25.15 -20.77 -18.38
C VAL B 244 26.68 -20.80 -18.33
N ARG B 245 27.31 -19.82 -18.98
CA ARG B 245 28.76 -19.73 -19.05
C ARG B 245 29.39 -19.52 -17.67
N SER B 246 28.67 -18.87 -16.78
CA SER B 246 29.16 -18.62 -15.43
C SER B 246 28.88 -19.78 -14.48
N GLY B 247 28.18 -20.80 -14.97
CA GLY B 247 27.91 -21.99 -14.18
C GLY B 247 26.59 -21.99 -13.45
N TYR B 248 25.58 -21.38 -14.05
CA TYR B 248 24.24 -21.38 -13.47
C TYR B 248 23.30 -22.28 -14.26
N LYS B 249 22.28 -22.79 -13.58
CA LYS B 249 21.09 -23.30 -14.27
C LYS B 249 20.06 -22.19 -14.26
N VAL B 250 19.54 -21.84 -15.43
CA VAL B 250 18.55 -20.77 -15.54
C VAL B 250 17.17 -21.32 -15.22
N ARG B 251 16.60 -20.86 -14.10
CA ARG B 251 15.32 -21.36 -13.63
C ARG B 251 14.17 -20.56 -14.22
N ASP B 252 14.43 -19.29 -14.52
CA ASP B 252 13.41 -18.37 -15.03
C ASP B 252 14.13 -17.21 -15.72
N LEU B 253 13.63 -16.83 -16.90
CA LEU B 253 14.14 -15.65 -17.60
C LEU B 253 13.00 -15.01 -18.37
N ARG B 254 12.47 -13.91 -17.84
CA ARG B 254 11.34 -13.24 -18.48
C ARG B 254 11.70 -11.86 -19.02
N THR B 255 10.93 -11.42 -20.01
CA THR B 255 11.19 -10.16 -20.69
C THR B 255 9.96 -9.26 -20.61
N TYR B 256 10.19 -8.02 -20.17
CA TYR B 256 9.18 -6.97 -20.23
C TYR B 256 9.54 -6.02 -21.36
N ILE B 257 8.62 -5.81 -22.28
CA ILE B 257 8.86 -4.87 -23.38
C ILE B 257 8.39 -3.50 -22.96
N MET B 258 9.28 -2.51 -23.05
CA MET B 258 8.95 -1.15 -22.59
C MET B 258 7.95 -0.49 -23.52
N PRO B 259 6.78 -0.10 -22.98
CA PRO B 259 5.80 0.61 -23.80
C PRO B 259 6.28 2.03 -24.13
N ALA B 260 5.84 2.57 -25.25
CA ALA B 260 6.30 3.87 -25.72
C ALA B 260 6.19 4.98 -24.66
N HIS B 261 5.12 4.96 -23.89
CA HIS B 261 4.86 6.03 -22.93
C HIS B 261 5.83 5.99 -21.74
N LEU B 262 6.63 4.94 -21.67
CA LEU B 262 7.66 4.86 -20.62
C LEU B 262 9.05 5.16 -21.18
N GLN B 263 9.12 5.40 -22.49
CA GLN B 263 10.35 5.89 -23.09
C GLN B 263 10.34 7.41 -23.02
N THR B 264 10.99 7.93 -21.99
CA THR B 264 10.84 9.32 -21.59
C THR B 264 12.03 10.19 -21.95
N GLY B 265 13.03 9.60 -22.60
CA GLY B 265 14.21 10.34 -22.99
C GLY B 265 15.31 10.26 -21.95
N VAL B 266 15.09 9.50 -20.88
CA VAL B 266 16.13 9.31 -19.87
C VAL B 266 17.09 8.20 -20.27
N ASP B 267 16.72 7.43 -21.30
CA ASP B 267 17.54 6.33 -21.77
C ASP B 267 17.00 5.82 -23.11
N ASP B 268 17.59 4.75 -23.64
CA ASP B 268 17.08 4.13 -24.85
C ASP B 268 16.80 2.64 -24.64
N VAL B 269 16.39 2.29 -23.41
CA VAL B 269 16.09 0.91 -23.07
C VAL B 269 14.92 0.37 -23.89
N LYS B 270 15.05 -0.85 -24.42
CA LYS B 270 13.97 -1.44 -25.20
C LYS B 270 13.13 -2.40 -24.35
N GLY B 271 13.75 -3.00 -23.33
CA GLY B 271 13.04 -3.91 -22.45
C GLY B 271 13.78 -4.15 -21.15
N VAL B 272 13.15 -4.90 -20.25
CA VAL B 272 13.79 -5.27 -19.00
C VAL B 272 13.73 -6.78 -18.86
N PHE B 273 14.82 -7.38 -18.39
CA PHE B 273 14.85 -8.82 -18.17
C PHE B 273 14.86 -9.13 -16.68
N PHE B 274 14.29 -10.27 -16.32
CA PHE B 274 14.39 -10.80 -14.97
C PHE B 274 14.88 -12.23 -15.06
N ALA B 275 15.99 -12.52 -14.40
CA ALA B 275 16.53 -13.87 -14.40
C ALA B 275 16.62 -14.43 -12.98
N TRP B 276 16.12 -15.65 -12.82
CA TRP B 276 16.34 -16.43 -11.61
C TRP B 276 17.25 -17.60 -11.98
N ALA B 277 18.45 -17.62 -11.41
CA ALA B 277 19.44 -18.63 -11.76
C ALA B 277 20.01 -19.26 -10.51
N GLN B 278 20.33 -20.54 -10.58
CA GLN B 278 20.89 -21.24 -9.44
C GLN B 278 22.28 -21.76 -9.77
N LYS B 279 23.24 -21.44 -8.91
CA LYS B 279 24.62 -21.84 -9.13
C LYS B 279 24.76 -23.36 -9.00
N VAL B 280 25.33 -23.98 -10.03
CA VAL B 280 25.52 -25.42 -10.04
C VAL B 280 26.52 -25.86 -8.98
N GLY B 281 26.16 -26.89 -8.22
CA GLY B 281 27.04 -27.42 -7.18
C GLY B 281 26.27 -28.05 -6.04
N SAH C . -20.04 8.04 10.49
CA SAH C . -18.91 8.68 11.15
CB SAH C . -19.39 9.71 12.21
CG SAH C . -19.97 9.02 13.46
SD SAH C . -20.21 10.27 14.78
C SAH C . -18.00 7.60 11.77
O SAH C . -17.99 6.51 11.30
OXT SAH C . -16.89 8.04 12.49
C5' SAH C . -21.98 10.60 14.98
C4' SAH C . -22.46 11.54 13.86
O4' SAH C . -23.91 11.71 13.94
C3' SAH C . -21.85 12.95 13.92
O3' SAH C . -21.25 13.24 12.68
C2' SAH C . -23.05 13.84 14.15
O2' SAH C . -22.90 15.10 13.56
C1' SAH C . -24.16 13.05 13.46
N9 SAH C . -25.44 13.46 13.97
C8 SAH C . -25.74 14.24 15.22
N7 SAH C . -27.19 14.41 15.31
C5 SAH C . -27.79 13.74 14.14
C6 SAH C . -29.21 13.57 13.68
N6 SAH C . -30.30 14.12 14.47
N1 SAH C . -29.49 12.84 12.45
C2 SAH C . -28.38 12.26 11.63
N3 SAH C . -26.97 12.42 12.07
C4 SAH C . -26.69 13.16 13.32
NAF AX7 D . -15.44 5.68 15.92
CAI AX7 D . -14.62 4.59 16.49
CAD AX7 D . -13.51 3.84 15.95
CAB AX7 D . -12.89 2.80 16.73
CAC AX7 D . -13.37 2.51 18.07
CAE AX7 D . -14.48 3.26 18.61
CAJ AX7 D . -15.10 4.29 17.83
NAG AX7 D . -16.26 5.24 18.13
CAH AX7 D . -16.46 6.09 16.94
NAA AX7 D . -17.47 7.13 16.81
N SAH E . 20.62 -1.25 -8.26
CA SAH E . 20.11 0.10 -8.55
CB SAH E . 21.18 0.98 -9.25
CG SAH E . 21.35 0.70 -10.76
SD SAH E . 22.44 1.97 -11.52
C SAH E . 18.79 -0.01 -9.33
O SAH E . 18.18 -1.03 -9.31
OXT SAH E . 18.15 1.17 -9.71
C5' SAH E . 24.07 1.23 -11.80
C4' SAH E . 24.89 1.18 -10.50
O4' SAH E . 26.19 0.59 -10.79
C3' SAH E . 25.18 2.58 -9.93
O3' SAH E . 24.76 2.63 -8.59
C2' SAH E . 26.69 2.68 -10.03
O2' SAH E . 27.26 3.48 -9.02
C1' SAH E . 27.10 1.23 -9.85
N9 SAH E . 28.43 1.02 -10.34
C8 SAH E . 29.24 1.90 -11.22
N7 SAH E . 30.52 1.23 -11.45
C5 SAH E . 30.51 -0.04 -10.72
C6 SAH E . 31.52 -1.14 -10.58
N6 SAH E . 32.81 -1.07 -11.23
N1 SAH E . 31.19 -2.31 -9.77
C2 SAH E . 29.87 -2.42 -9.08
N3 SAH E . 28.87 -1.33 -9.22
C4 SAH E . 29.20 -0.16 -10.04
NAF AX7 F . 16.05 1.52 -13.54
CAI AX7 F . 14.83 1.26 -14.37
CAD AX7 F . 13.45 1.10 -14.01
CAB AX7 F . 12.48 0.86 -15.06
CAC AX7 F . 12.89 0.79 -16.45
CAE AX7 F . 14.28 0.95 -16.79
CAJ AX7 F . 15.25 1.19 -15.77
NAG AX7 F . 16.77 1.40 -15.82
CAH AX7 F . 17.24 1.59 -14.45
NAA AX7 F . 18.63 1.84 -14.04
#